data_8OFC
#
_entry.id   8OFC
#
_entity_poly.entity_id   1
_entity_poly.type   'polydeoxyribonucleotide'
_entity_poly.pdbx_seq_one_letter_code
;(DC)(YCO)(DG)(DT)(DT)(DC)(DNR)(DG)(DT)(DT)(DT)(DT)(DT)(DC)(DC)(DG)(DT)(DT)(DC)
(DNR)(DG)(DT)
;
_entity_poly.pdbx_strand_id   A
#